data_1O81
#
_entry.id   1O81
#
_cell.length_a   111.700
_cell.length_b   111.700
_cell.length_c   56.500
_cell.angle_alpha   90.00
_cell.angle_beta   90.00
_cell.angle_gamma   90.00
#
_symmetry.space_group_name_H-M   'P 42 21 2'
#
loop_
_entity.id
_entity.type
_entity.pdbx_description
1 polymer 'TRYPAREDOXIN II'
2 non-polymer 'SULFATE ION'
3 water water
#
_entity_poly.entity_id   1
_entity_poly.type   'polypeptide(L)'
_entity_poly.pdbx_seq_one_letter_code
;PHMSGLKKFFPYSTNVLKGAAADIALPSLAGKTVFFYFSASWCPPCRAFTPQLIDFYKAHAEKKNFEVMLISWDESAEDF
KDYYAKMPWLALPFEDRKGMEFLTTGFDVKSIPTLVGVEADSGNIITTQARTMVVKDPEAKDFPWPNVEAKK
;
_entity_poly.pdbx_strand_id   A,B
#
loop_
_chem_comp.id
_chem_comp.type
_chem_comp.name
_chem_comp.formula
SO4 non-polymer 'SULFATE ION' 'O4 S -2'
#
# COMPACT_ATOMS: atom_id res chain seq x y z
N PRO A 1 19.48 -6.18 7.15
CA PRO A 1 18.31 -6.31 8.01
C PRO A 1 18.13 -5.08 8.90
N HIS A 2 17.81 -3.94 8.25
CA HIS A 2 17.61 -2.71 9.00
C HIS A 2 16.13 -2.34 9.10
N MET A 3 15.24 -3.16 8.54
CA MET A 3 13.80 -2.85 8.49
C MET A 3 13.54 -1.47 7.86
N SER A 4 14.27 -1.17 6.79
CA SER A 4 14.18 0.13 6.13
C SER A 4 12.75 0.49 5.75
N GLY A 5 12.03 -0.45 5.15
CA GLY A 5 10.66 -0.22 4.73
C GLY A 5 9.74 0.21 5.87
N LEU A 6 9.77 -0.54 6.96
CA LEU A 6 8.94 -0.24 8.13
C LEU A 6 9.38 1.07 8.84
N LYS A 7 10.67 1.37 8.78
CA LYS A 7 11.20 2.57 9.41
C LYS A 7 10.66 3.87 8.81
N LYS A 8 10.25 3.79 7.54
CA LYS A 8 9.71 4.92 6.80
C LYS A 8 8.46 5.50 7.51
N PHE A 9 7.79 4.67 8.31
CA PHE A 9 6.57 5.11 9.03
C PHE A 9 6.85 5.86 10.32
N PHE A 10 8.11 5.86 10.75
CA PHE A 10 8.46 6.43 12.07
C PHE A 10 9.60 7.43 12.05
N PRO A 11 9.37 8.61 11.52
CA PRO A 11 10.45 9.62 11.47
C PRO A 11 10.92 10.08 12.84
N TYR A 12 10.09 10.00 13.88
CA TYR A 12 10.42 10.55 15.20
C TYR A 12 10.42 9.57 16.39
N SER A 13 10.22 8.29 16.15
CA SER A 13 10.34 7.30 17.21
C SER A 13 11.28 6.22 16.75
N THR A 14 12.03 5.68 17.72
CA THR A 14 12.90 4.56 17.43
C THR A 14 12.23 3.31 17.94
N ASN A 15 11.97 3.25 19.24
CA ASN A 15 11.29 2.10 19.81
C ASN A 15 9.88 2.50 20.12
N VAL A 16 9.00 1.50 20.21
CA VAL A 16 7.59 1.73 20.51
C VAL A 16 7.21 1.00 21.80
N LEU A 17 5.98 1.19 22.24
CA LEU A 17 5.49 0.62 23.51
C LEU A 17 4.87 -0.76 23.40
N LYS A 18 5.03 -1.53 24.49
CA LYS A 18 4.36 -2.81 24.67
C LYS A 18 4.02 -2.87 26.16
N GLY A 19 2.91 -2.27 26.55
CA GLY A 19 2.45 -2.26 27.92
C GLY A 19 3.18 -1.18 28.71
N ALA A 20 3.97 -1.59 29.70
CA ALA A 20 4.77 -0.67 30.51
C ALA A 20 6.17 -0.48 29.91
N ALA A 21 6.56 -1.39 29.02
CA ALA A 21 7.89 -1.30 28.42
C ALA A 21 7.86 -0.51 27.11
N ALA A 22 8.93 0.27 26.91
CA ALA A 22 9.04 1.04 25.68
C ALA A 22 10.36 0.76 24.97
N ASP A 23 10.74 -0.52 24.96
CA ASP A 23 12.01 -0.90 24.36
C ASP A 23 11.81 -1.75 23.09
N ILE A 24 10.53 -1.89 22.70
CA ILE A 24 10.23 -2.64 21.50
C ILE A 24 10.80 -1.97 20.25
N ALA A 25 11.68 -2.70 19.55
CA ALA A 25 12.27 -2.15 18.33
C ALA A 25 11.77 -2.89 17.09
N LEU A 26 11.83 -2.19 15.96
CA LEU A 26 11.22 -2.65 14.71
C LEU A 26 11.59 -4.06 14.24
N PRO A 27 12.85 -4.46 14.32
CA PRO A 27 13.24 -5.80 13.88
C PRO A 27 12.38 -6.90 14.51
N SER A 28 11.82 -6.68 15.70
CA SER A 28 10.99 -7.69 16.35
C SER A 28 9.73 -7.95 15.54
N LEU A 29 9.43 -7.08 14.57
CA LEU A 29 8.25 -7.24 13.74
C LEU A 29 8.56 -7.88 12.39
N ALA A 30 9.80 -8.26 12.15
CA ALA A 30 10.18 -8.87 10.89
C ALA A 30 9.28 -10.05 10.52
N GLY A 31 8.92 -10.12 9.25
CA GLY A 31 8.11 -11.19 8.70
C GLY A 31 6.62 -11.13 9.02
N LYS A 32 6.19 -10.10 9.75
CA LYS A 32 4.78 -10.01 10.13
C LYS A 32 3.98 -9.03 9.30
N THR A 33 2.67 -9.15 9.44
CA THR A 33 1.76 -8.12 8.96
C THR A 33 1.60 -7.20 10.18
N VAL A 34 1.60 -5.88 9.97
CA VAL A 34 1.41 -4.95 11.07
C VAL A 34 0.19 -4.07 10.76
N PHE A 35 -0.70 -3.91 11.71
CA PHE A 35 -1.87 -3.06 11.57
C PHE A 35 -1.74 -1.83 12.43
N PHE A 36 -1.88 -0.66 11.83
CA PHE A 36 -1.95 0.61 12.52
C PHE A 36 -3.42 0.86 12.86
N TYR A 37 -3.71 0.97 14.17
CA TYR A 37 -5.09 1.15 14.64
C TYR A 37 -5.25 2.59 15.11
N PHE A 38 -5.94 3.41 14.32
CA PHE A 38 -6.21 4.79 14.64
C PHE A 38 -7.48 4.81 15.50
N SER A 39 -7.32 5.27 16.74
CA SER A 39 -8.38 5.18 17.75
C SER A 39 -8.21 6.20 18.86
N ALA A 40 -9.25 6.39 19.66
CA ALA A 40 -9.22 7.31 20.80
C ALA A 40 -10.32 6.93 21.80
N SER A 41 -10.09 7.20 23.08
CA SER A 41 -11.07 6.86 24.11
C SER A 41 -12.29 7.76 24.10
N TRP A 42 -12.23 8.89 23.42
CA TRP A 42 -13.37 9.81 23.33
C TRP A 42 -14.34 9.43 22.24
N CYS A 43 -13.99 8.41 21.45
CA CYS A 43 -14.76 8.02 20.29
C CYS A 43 -15.60 6.75 20.58
N PRO A 44 -16.92 6.93 20.66
CA PRO A 44 -17.83 5.82 20.95
C PRO A 44 -17.61 4.59 20.07
N PRO A 45 -17.65 4.67 18.73
CA PRO A 45 -17.43 3.45 17.91
C PRO A 45 -16.05 2.80 18.15
N CYS A 46 -15.05 3.59 18.47
CA CYS A 46 -13.74 3.04 18.87
C CYS A 46 -13.84 2.20 20.14
N ARG A 47 -14.55 2.73 21.14
CA ARG A 47 -14.72 2.05 22.41
C ARG A 47 -15.41 0.72 22.21
N ALA A 48 -16.32 0.63 21.25
CA ALA A 48 -17.01 -0.63 20.95
C ALA A 48 -16.22 -1.56 20.01
N PHE A 49 -15.45 -0.99 19.08
CA PHE A 49 -14.70 -1.82 18.12
C PHE A 49 -13.45 -2.41 18.77
N THR A 50 -12.87 -1.68 19.71
CA THR A 50 -11.67 -2.19 20.36
C THR A 50 -11.84 -3.63 20.89
N PRO A 51 -12.88 -3.94 21.67
CA PRO A 51 -13.07 -5.33 22.15
C PRO A 51 -13.26 -6.37 21.02
N GLN A 52 -13.83 -5.96 19.89
CA GLN A 52 -13.97 -6.82 18.73
C GLN A 52 -12.57 -7.12 18.11
N LEU A 53 -11.75 -6.09 18.00
CA LEU A 53 -10.41 -6.29 17.50
C LEU A 53 -9.58 -7.14 18.48
N ILE A 54 -9.78 -6.97 19.79
CA ILE A 54 -9.09 -7.81 20.75
C ILE A 54 -9.51 -9.29 20.57
N ASP A 55 -10.80 -9.55 20.38
CA ASP A 55 -11.25 -10.93 20.13
C ASP A 55 -10.55 -11.50 18.89
N PHE A 56 -10.43 -10.69 17.82
CA PHE A 56 -9.79 -11.14 16.58
C PHE A 56 -8.32 -11.40 16.81
N TYR A 57 -7.68 -10.52 17.59
CA TYR A 57 -6.28 -10.65 17.93
C TYR A 57 -6.00 -11.94 18.72
N LYS A 58 -6.84 -12.21 19.71
CA LYS A 58 -6.69 -13.44 20.52
C LYS A 58 -6.78 -14.65 19.60
N ALA A 59 -7.70 -14.61 18.65
CA ALA A 59 -7.94 -15.77 17.80
C ALA A 59 -6.88 -16.01 16.73
N HIS A 60 -6.31 -14.92 16.19
CA HIS A 60 -5.49 -15.05 14.99
C HIS A 60 -4.08 -14.46 14.98
N ALA A 61 -3.71 -13.62 15.96
CA ALA A 61 -2.41 -12.96 15.92
C ALA A 61 -1.23 -13.91 15.76
N GLU A 62 -1.28 -15.04 16.49
CA GLU A 62 -0.19 -16.00 16.39
C GLU A 62 -0.19 -16.77 15.05
N LYS A 63 -1.32 -17.39 14.73
CA LYS A 63 -1.41 -18.25 13.54
C LYS A 63 -1.30 -17.44 12.24
N LYS A 64 -1.90 -16.25 12.22
CA LYS A 64 -1.81 -15.40 11.04
C LYS A 64 -0.62 -14.43 11.12
N ASN A 65 0.17 -14.51 12.18
CA ASN A 65 1.43 -13.78 12.28
C ASN A 65 1.32 -12.27 12.04
N PHE A 66 0.54 -11.63 12.89
CA PHE A 66 0.41 -10.18 12.82
C PHE A 66 0.48 -9.54 14.19
N GLU A 67 0.68 -8.21 14.15
CA GLU A 67 0.74 -7.40 15.35
C GLU A 67 -0.11 -6.13 15.12
N VAL A 68 -0.58 -5.55 16.20
CA VAL A 68 -1.36 -4.30 16.11
C VAL A 68 -0.62 -3.20 16.86
N MET A 69 -0.67 -1.98 16.32
CA MET A 69 -0.06 -0.80 16.96
C MET A 69 -1.05 0.34 17.00
N LEU A 70 -1.37 0.76 18.21
CA LEU A 70 -2.25 1.93 18.42
C LEU A 70 -1.60 3.24 17.98
N ILE A 71 -2.32 4.01 17.18
CA ILE A 71 -1.93 5.33 16.82
C ILE A 71 -3.03 6.21 17.35
N SER A 72 -2.75 6.88 18.47
CA SER A 72 -3.77 7.53 19.25
C SER A 72 -4.16 8.94 18.85
N TRP A 73 -5.47 9.16 18.73
CA TRP A 73 -6.05 10.48 18.58
C TRP A 73 -6.55 11.02 19.94
N ASP A 74 -6.06 10.45 21.05
CA ASP A 74 -6.48 10.91 22.39
C ASP A 74 -6.04 12.34 22.63
N GLU A 75 -6.81 13.01 23.50
CA GLU A 75 -6.69 14.43 23.85
C GLU A 75 -5.58 14.75 24.86
N SER A 76 -5.23 13.75 25.67
CA SER A 76 -4.27 13.94 26.75
C SER A 76 -3.50 12.66 27.06
N ALA A 77 -2.36 12.83 27.70
CA ALA A 77 -1.53 11.70 28.08
C ALA A 77 -2.26 10.77 29.03
N GLU A 78 -3.07 11.35 29.92
CA GLU A 78 -3.86 10.60 30.90
C GLU A 78 -4.86 9.69 30.20
N ASP A 79 -5.61 10.27 29.25
CA ASP A 79 -6.58 9.49 28.48
C ASP A 79 -5.86 8.36 27.73
N PHE A 80 -4.71 8.68 27.11
CA PHE A 80 -3.95 7.66 26.39
C PHE A 80 -3.57 6.51 27.30
N LYS A 81 -3.02 6.82 28.47
CA LYS A 81 -2.56 5.78 29.39
C LYS A 81 -3.71 4.83 29.77
N ASP A 82 -4.85 5.38 30.15
CA ASP A 82 -5.99 4.57 30.59
C ASP A 82 -6.55 3.69 29.47
N TYR A 83 -6.59 4.25 28.27
CA TYR A 83 -7.14 3.54 27.10
C TYR A 83 -6.20 2.45 26.60
N TYR A 84 -4.92 2.77 26.43
CA TYR A 84 -3.94 1.80 25.97
C TYR A 84 -3.76 0.66 26.99
N ALA A 85 -4.02 0.95 28.26
CA ALA A 85 -3.86 -0.06 29.29
C ALA A 85 -4.80 -1.25 29.08
N LYS A 86 -5.90 -1.05 28.36
CA LYS A 86 -6.91 -2.09 28.11
C LYS A 86 -6.52 -3.00 26.94
N MET A 87 -5.43 -2.64 26.26
CA MET A 87 -4.98 -3.28 25.01
C MET A 87 -3.77 -4.22 25.20
N PRO A 88 -3.73 -5.34 24.50
CA PRO A 88 -2.63 -6.29 24.59
C PRO A 88 -1.49 -6.11 23.62
N TRP A 89 -1.64 -5.14 22.70
CA TRP A 89 -0.69 -4.94 21.61
C TRP A 89 0.25 -3.74 21.82
N LEU A 90 0.81 -3.21 20.73
CA LEU A 90 1.81 -2.14 20.77
C LEU A 90 1.18 -0.76 20.66
N ALA A 91 1.98 0.28 20.90
CA ALA A 91 1.50 1.66 20.68
C ALA A 91 2.63 2.56 20.28
N LEU A 92 2.34 3.49 19.38
CA LEU A 92 3.27 4.58 19.13
C LEU A 92 3.20 5.46 20.40
N PRO A 93 4.35 5.80 21.01
CA PRO A 93 4.30 6.63 22.23
C PRO A 93 3.46 7.90 22.06
N PHE A 94 2.66 8.23 23.05
CA PHE A 94 1.77 9.39 22.98
C PHE A 94 2.55 10.68 22.72
N GLU A 95 3.73 10.77 23.30
CA GLU A 95 4.57 11.97 23.17
C GLU A 95 4.96 12.30 21.73
N ASP A 96 4.94 11.27 20.86
CA ASP A 96 5.25 11.47 19.45
C ASP A 96 3.97 11.89 18.71
N ARG A 97 3.50 13.11 18.97
CA ARG A 97 2.32 13.64 18.33
C ARG A 97 2.56 13.91 16.84
N LYS A 98 3.73 14.44 16.49
CA LYS A 98 4.02 14.72 15.10
C LYS A 98 4.09 13.42 14.27
N GLY A 99 4.53 12.32 14.89
CA GLY A 99 4.53 11.02 14.24
C GLY A 99 3.11 10.50 13.99
N MET A 100 2.21 10.75 14.93
CA MET A 100 0.80 10.42 14.75
C MET A 100 0.24 11.24 13.59
N GLU A 101 0.62 12.51 13.51
CA GLU A 101 0.15 13.36 12.40
C GLU A 101 0.68 12.86 11.05
N PHE A 102 1.94 12.44 11.03
CA PHE A 102 2.54 11.94 9.80
C PHE A 102 1.78 10.75 9.23
N LEU A 103 1.44 9.79 10.11
CA LEU A 103 0.72 8.59 9.69
C LEU A 103 -0.75 8.89 9.31
N THR A 104 -1.38 9.78 10.05
CA THR A 104 -2.77 10.13 9.81
C THR A 104 -2.97 10.70 8.41
N THR A 105 -2.06 11.63 8.03
CA THR A 105 -2.16 12.24 6.72
C THR A 105 -1.65 11.31 5.63
N GLY A 106 -0.63 10.51 5.98
CA GLY A 106 -0.06 9.58 5.01
C GLY A 106 -1.12 8.64 4.43
N PHE A 107 -1.97 8.11 5.30
CA PHE A 107 -2.99 7.16 4.90
C PHE A 107 -4.36 7.80 4.66
N ASP A 108 -4.43 9.13 4.73
CA ASP A 108 -5.67 9.85 4.51
C ASP A 108 -6.75 9.39 5.48
N VAL A 109 -6.37 9.29 6.76
CA VAL A 109 -7.33 8.90 7.82
C VAL A 109 -8.16 10.11 8.25
N LYS A 110 -9.45 10.09 7.93
CA LYS A 110 -10.29 11.23 8.21
C LYS A 110 -11.30 11.03 9.36
N SER A 111 -11.43 9.76 9.77
CA SER A 111 -12.29 9.38 10.88
C SER A 111 -11.74 8.12 11.53
N ILE A 112 -12.21 7.85 12.76
CA ILE A 112 -11.82 6.68 13.54
C ILE A 112 -13.05 5.95 14.04
N PRO A 113 -12.97 4.64 14.32
CA PRO A 113 -11.77 3.80 14.22
C PRO A 113 -11.38 3.46 12.77
N THR A 114 -10.09 3.44 12.50
CA THR A 114 -9.55 2.99 11.20
C THR A 114 -8.40 2.02 11.42
N LEU A 115 -8.31 0.99 10.60
CA LEU A 115 -7.31 -0.05 10.75
C LEU A 115 -6.61 -0.28 9.40
N VAL A 116 -5.30 -0.01 9.37
CA VAL A 116 -4.50 -0.06 8.15
C VAL A 116 -3.47 -1.17 8.24
N GLY A 117 -3.44 -2.06 7.25
CA GLY A 117 -2.49 -3.15 7.21
C GLY A 117 -1.28 -2.88 6.32
N VAL A 118 -0.10 -3.23 6.82
CA VAL A 118 1.17 -3.06 6.10
C VAL A 118 2.03 -4.31 6.25
N GLU A 119 2.92 -4.53 5.29
CA GLU A 119 3.90 -5.63 5.37
C GLU A 119 5.14 -5.10 6.10
N ALA A 120 5.55 -5.73 7.18
CA ALA A 120 6.72 -5.26 7.93
C ALA A 120 8.01 -5.23 7.09
N ASP A 121 8.29 -6.33 6.39
CA ASP A 121 9.56 -6.43 5.67
C ASP A 121 9.72 -5.46 4.51
N SER A 122 8.73 -5.38 3.61
CA SER A 122 8.80 -4.51 2.43
C SER A 122 8.38 -3.10 2.74
N GLY A 123 7.52 -2.97 3.72
CA GLY A 123 6.93 -1.67 4.06
C GLY A 123 5.75 -1.28 3.16
N ASN A 124 5.31 -2.23 2.34
CA ASN A 124 4.20 -2.00 1.42
C ASN A 124 2.85 -1.95 2.15
N ILE A 125 1.86 -1.34 1.51
CA ILE A 125 0.54 -1.25 2.13
C ILE A 125 -0.40 -2.28 1.53
N ILE A 126 -1.19 -2.88 2.41
CA ILE A 126 -2.17 -3.91 2.00
C ILE A 126 -3.57 -3.34 1.79
N THR A 127 -4.06 -2.60 2.79
CA THR A 127 -5.37 -1.93 2.74
C THR A 127 -5.49 -0.93 3.89
N THR A 128 -6.33 0.08 3.71
CA THR A 128 -6.71 1.01 4.79
C THR A 128 -8.10 0.68 5.31
N GLN A 129 -8.73 -0.37 4.77
CA GLN A 129 -10.12 -0.71 5.17
C GLN A 129 -10.20 -2.07 5.89
N ALA A 130 -9.25 -2.35 6.76
CA ALA A 130 -9.26 -3.60 7.52
C ALA A 130 -10.34 -3.60 8.60
N ARG A 131 -10.79 -2.42 9.06
CA ARG A 131 -11.84 -2.43 10.10
C ARG A 131 -13.07 -3.23 9.64
N THR A 132 -13.53 -2.92 8.44
CA THR A 132 -14.63 -3.59 7.76
C THR A 132 -14.45 -5.11 7.78
N MET A 133 -13.24 -5.55 7.51
CA MET A 133 -13.05 -7.00 7.35
C MET A 133 -12.88 -7.74 8.68
N VAL A 134 -12.44 -7.08 9.73
CA VAL A 134 -12.39 -7.74 11.04
C VAL A 134 -13.80 -8.16 11.40
N VAL A 135 -14.73 -7.27 11.05
CA VAL A 135 -16.15 -7.46 11.31
C VAL A 135 -16.76 -8.49 10.36
N LYS A 136 -16.49 -8.39 9.06
CA LYS A 136 -17.11 -9.24 8.05
C LYS A 136 -16.49 -10.64 7.96
N ASP A 137 -15.22 -10.75 8.27
CA ASP A 137 -14.47 -12.00 8.15
C ASP A 137 -13.78 -12.35 9.46
N PRO A 138 -14.57 -12.63 10.52
CA PRO A 138 -14.01 -12.90 11.85
C PRO A 138 -13.17 -14.17 11.93
N GLU A 139 -13.30 -15.08 10.96
CA GLU A 139 -12.51 -16.31 10.93
C GLU A 139 -11.21 -16.12 10.15
N ALA A 140 -11.00 -14.90 9.63
CA ALA A 140 -9.76 -14.53 8.90
C ALA A 140 -9.51 -15.40 7.66
N LYS A 141 -10.58 -15.80 7.00
CA LYS A 141 -10.45 -16.63 5.79
C LYS A 141 -9.70 -15.91 4.65
N ASP A 142 -9.93 -14.60 4.51
CA ASP A 142 -9.34 -13.82 3.42
C ASP A 142 -8.27 -12.83 3.89
N PHE A 143 -7.86 -12.97 5.15
CA PHE A 143 -6.81 -12.13 5.74
C PHE A 143 -5.53 -12.21 4.88
N PRO A 144 -4.75 -11.15 4.72
CA PRO A 144 -4.92 -9.81 5.30
C PRO A 144 -5.71 -8.81 4.45
N TRP A 145 -6.54 -9.30 3.51
CA TRP A 145 -7.50 -8.44 2.78
C TRP A 145 -6.90 -7.32 1.91
N PRO A 146 -6.05 -7.66 0.94
CA PRO A 146 -5.51 -6.62 0.07
C PRO A 146 -6.61 -5.93 -0.74
N ASN A 147 -6.49 -4.61 -0.89
CA ASN A 147 -7.39 -3.87 -1.79
C ASN A 147 -8.90 -4.05 -1.54
N VAL A 148 -9.29 -3.96 -0.28
CA VAL A 148 -10.70 -3.89 0.10
C VAL A 148 -11.31 -2.69 -0.64
N GLU A 149 -10.46 -1.71 -0.95
CA GLU A 149 -10.84 -0.50 -1.66
C GLU A 149 -11.47 -0.76 -3.05
N ALA A 150 -11.29 -1.97 -3.58
CA ALA A 150 -11.85 -2.32 -4.91
C ALA A 150 -13.36 -2.41 -4.90
N LYS A 151 -13.93 -2.62 -3.72
CA LYS A 151 -15.37 -2.75 -3.56
C LYS A 151 -16.14 -1.56 -4.07
N LYS A 152 -17.29 -1.83 -4.67
CA LYS A 152 -18.24 -0.75 -4.94
C LYS A 152 -18.72 -0.10 -3.64
N SER B 4 -3.46 -9.71 -29.88
CA SER B 4 -2.00 -9.85 -29.57
C SER B 4 -1.78 -10.32 -28.15
N GLY B 5 -0.55 -10.74 -27.85
CA GLY B 5 -0.17 -11.12 -26.50
C GLY B 5 -0.49 -10.06 -25.45
N LEU B 6 -0.12 -8.80 -25.71
CA LEU B 6 -0.41 -7.74 -24.74
C LEU B 6 -1.91 -7.51 -24.57
N LYS B 7 -2.67 -7.65 -25.65
CA LYS B 7 -4.08 -7.36 -25.43
C LYS B 7 -4.78 -8.47 -24.65
N LYS B 8 -4.10 -9.59 -24.42
CA LYS B 8 -4.59 -10.60 -23.51
C LYS B 8 -4.60 -10.06 -22.08
N PHE B 9 -3.80 -9.04 -21.81
CA PHE B 9 -3.75 -8.44 -20.48
C PHE B 9 -4.93 -7.51 -20.19
N PHE B 10 -5.73 -7.20 -21.20
CA PHE B 10 -6.83 -6.25 -21.11
C PHE B 10 -8.14 -6.80 -21.66
N PRO B 11 -8.68 -7.85 -21.03
CA PRO B 11 -9.90 -8.49 -21.54
C PRO B 11 -11.16 -7.62 -21.49
N TYR B 12 -11.19 -6.53 -20.72
CA TYR B 12 -12.38 -5.71 -20.61
C TYR B 12 -12.21 -4.29 -21.15
N SER B 13 -10.99 -3.92 -21.54
CA SER B 13 -10.72 -2.59 -22.10
C SER B 13 -10.10 -2.65 -23.49
N THR B 14 -10.63 -1.84 -24.39
CA THR B 14 -10.11 -1.71 -25.74
C THR B 14 -9.36 -0.40 -25.82
N ASN B 15 -9.61 0.49 -24.84
CA ASN B 15 -9.00 1.82 -24.78
C ASN B 15 -8.26 2.02 -23.45
N VAL B 16 -7.18 2.83 -23.44
CA VAL B 16 -6.47 3.19 -22.20
C VAL B 16 -6.24 4.71 -22.15
N LEU B 17 -6.03 5.24 -20.94
CA LEU B 17 -5.83 6.68 -20.76
C LEU B 17 -4.41 7.13 -21.02
N LYS B 18 -4.29 8.36 -21.48
CA LYS B 18 -3.00 8.98 -21.74
C LYS B 18 -3.08 10.52 -21.53
N GLY B 19 -2.48 10.97 -20.44
CA GLY B 19 -2.34 12.39 -20.18
C GLY B 19 -3.52 12.96 -19.42
N ALA B 20 -3.73 14.27 -19.57
CA ALA B 20 -4.78 14.97 -18.85
C ALA B 20 -6.13 14.32 -19.03
N ALA B 21 -6.67 14.39 -20.25
CA ALA B 21 -7.98 13.80 -20.52
C ALA B 21 -8.07 13.14 -21.88
N ALA B 22 -7.02 12.45 -22.29
CA ALA B 22 -7.01 11.77 -23.60
C ALA B 22 -7.11 10.27 -23.41
N ASP B 23 -7.66 9.56 -24.39
CA ASP B 23 -7.64 8.11 -24.35
C ASP B 23 -7.25 7.60 -25.73
N ILE B 24 -6.73 6.38 -25.78
CA ILE B 24 -6.26 5.80 -27.02
C ILE B 24 -6.66 4.34 -27.17
N ALA B 25 -6.76 3.88 -28.40
CA ALA B 25 -7.01 2.48 -28.66
C ALA B 25 -5.82 1.75 -28.09
N LEU B 26 -6.06 0.61 -27.43
CA LEU B 26 -4.99 -0.16 -26.80
C LEU B 26 -3.82 -0.36 -27.76
N PRO B 27 -2.64 0.14 -27.41
CA PRO B 27 -1.47 -0.06 -28.27
C PRO B 27 -0.85 -1.45 -28.10
N SER B 28 -0.19 -1.93 -29.14
CA SER B 28 0.46 -3.23 -29.09
C SER B 28 1.77 -3.15 -28.32
N LEU B 29 2.42 -1.99 -28.39
CA LEU B 29 3.70 -1.72 -27.75
C LEU B 29 4.68 -2.82 -28.10
N ALA B 30 4.65 -3.27 -29.36
CA ALA B 30 5.48 -4.37 -29.81
C ALA B 30 6.97 -4.07 -29.62
N GLY B 31 7.74 -5.10 -29.23
CA GLY B 31 9.17 -4.97 -29.01
C GLY B 31 9.53 -4.11 -27.81
N LYS B 32 8.52 -3.53 -27.19
CA LYS B 32 8.71 -2.68 -26.03
C LYS B 32 8.61 -3.48 -24.72
N THR B 33 9.13 -2.90 -23.65
CA THR B 33 9.04 -3.47 -22.31
C THR B 33 7.95 -2.68 -21.60
N VAL B 34 6.96 -3.38 -21.03
CA VAL B 34 5.82 -2.71 -20.38
C VAL B 34 5.77 -2.94 -18.87
N PHE B 35 5.77 -1.85 -18.13
CA PHE B 35 5.76 -1.91 -16.66
C PHE B 35 4.37 -1.63 -16.14
N PHE B 36 3.81 -2.57 -15.41
CA PHE B 36 2.54 -2.40 -14.72
C PHE B 36 2.84 -1.86 -13.31
N TYR B 37 2.28 -0.69 -13.00
CA TYR B 37 2.50 -0.02 -11.71
C TYR B 37 1.18 -0.05 -10.93
N PHE B 38 1.14 -0.87 -9.88
CA PHE B 38 -0.01 -0.96 -8.99
C PHE B 38 0.19 0.06 -7.85
N SER B 39 -0.72 1.01 -7.75
CA SER B 39 -0.51 2.12 -6.81
C SER B 39 -1.83 2.81 -6.48
N ALA B 40 -1.81 3.71 -5.48
CA ALA B 40 -2.99 4.45 -5.06
C ALA B 40 -2.61 5.68 -4.23
N SER B 41 -3.55 6.62 -4.15
CA SER B 41 -3.33 7.84 -3.36
C SER B 41 -3.14 7.57 -1.86
N TRP B 42 -3.71 6.49 -1.34
CA TRP B 42 -3.66 6.19 0.09
C TRP B 42 -2.41 5.50 0.60
N CYS B 43 -1.37 5.45 -0.25
CA CYS B 43 -0.19 4.65 -0.01
C CYS B 43 1.09 5.50 0.13
N PRO B 44 1.58 5.68 1.35
CA PRO B 44 2.82 6.46 1.54
C PRO B 44 4.04 5.96 0.79
N PRO B 45 4.38 4.67 0.82
CA PRO B 45 5.56 4.25 0.02
C PRO B 45 5.37 4.47 -1.47
N CYS B 46 4.15 4.40 -1.97
CA CYS B 46 3.85 4.75 -3.37
C CYS B 46 4.20 6.23 -3.61
N ARG B 47 3.79 7.08 -2.70
CA ARG B 47 4.00 8.50 -2.77
C ARG B 47 5.49 8.86 -2.77
N ALA B 48 6.31 8.09 -2.07
CA ALA B 48 7.77 8.32 -2.05
C ALA B 48 8.44 7.80 -3.31
N PHE B 49 7.94 6.69 -3.82
CA PHE B 49 8.55 6.07 -5.00
C PHE B 49 8.14 6.72 -6.30
N THR B 50 6.89 7.13 -6.46
CA THR B 50 6.38 7.72 -7.69
C THR B 50 7.30 8.79 -8.31
N PRO B 51 7.74 9.78 -7.54
CA PRO B 51 8.65 10.77 -8.11
C PRO B 51 9.94 10.15 -8.62
N GLN B 52 10.45 9.09 -7.97
CA GLN B 52 11.68 8.45 -8.44
C GLN B 52 11.40 7.73 -9.76
N LEU B 53 10.20 7.19 -9.89
CA LEU B 53 9.81 6.50 -11.10
C LEU B 53 9.56 7.49 -12.23
N ILE B 54 8.91 8.61 -11.92
CA ILE B 54 8.68 9.64 -12.91
C ILE B 54 10.00 10.16 -13.48
N ASP B 55 10.98 10.41 -12.61
CA ASP B 55 12.29 10.90 -13.06
C ASP B 55 12.91 9.86 -14.00
N PHE B 56 12.90 8.60 -13.58
CA PHE B 56 13.45 7.50 -14.37
C PHE B 56 12.76 7.40 -15.72
N TYR B 57 11.45 7.59 -15.70
CA TYR B 57 10.63 7.55 -16.89
C TYR B 57 11.08 8.62 -17.88
N LYS B 58 11.21 9.82 -17.37
CA LYS B 58 11.51 10.97 -18.20
C LYS B 58 12.90 10.83 -18.82
N ALA B 59 13.81 10.19 -18.10
CA ALA B 59 15.19 10.12 -18.54
C ALA B 59 15.55 8.84 -19.30
N HIS B 60 14.65 7.86 -19.34
CA HIS B 60 14.98 6.57 -19.99
C HIS B 60 13.86 5.94 -20.83
N ALA B 61 12.62 6.38 -20.68
CA ALA B 61 11.49 5.81 -21.41
C ALA B 61 11.84 5.47 -22.86
N GLU B 62 12.27 6.46 -23.61
CA GLU B 62 12.53 6.26 -25.04
C GLU B 62 13.84 5.50 -25.32
N LYS B 63 14.96 5.92 -24.73
CA LYS B 63 16.23 5.22 -24.96
C LYS B 63 16.16 3.74 -24.61
N LYS B 64 15.54 3.44 -23.48
CA LYS B 64 15.42 2.06 -23.03
C LYS B 64 14.18 1.36 -23.62
N ASN B 65 13.38 2.09 -24.38
CA ASN B 65 12.22 1.55 -25.08
C ASN B 65 11.22 0.82 -24.19
N PHE B 66 10.71 1.52 -23.19
CA PHE B 66 9.73 0.93 -22.27
C PHE B 66 8.56 1.88 -22.02
N GLU B 67 7.48 1.32 -21.48
CA GLU B 67 6.30 2.12 -21.16
C GLU B 67 5.86 1.76 -19.74
N VAL B 68 4.95 2.57 -19.20
CA VAL B 68 4.45 2.32 -17.84
C VAL B 68 2.96 2.48 -17.84
N MET B 69 2.27 1.57 -17.15
CA MET B 69 0.84 1.82 -17.03
C MET B 69 0.34 1.60 -15.60
N LEU B 70 -0.43 2.59 -15.19
CA LEU B 70 -0.97 2.63 -13.83
C LEU B 70 -2.18 1.72 -13.74
N ILE B 71 -2.16 0.85 -12.74
CA ILE B 71 -3.31 0.00 -12.39
C ILE B 71 -3.70 0.50 -11.00
N SER B 72 -4.82 1.24 -10.92
CA SER B 72 -5.16 1.94 -9.67
C SER B 72 -5.93 1.13 -8.66
N TRP B 73 -5.44 1.17 -7.41
CA TRP B 73 -6.14 0.62 -6.23
C TRP B 73 -6.86 1.75 -5.47
N ASP B 74 -7.13 2.85 -6.14
CA ASP B 74 -7.86 3.96 -5.53
C ASP B 74 -9.28 3.55 -5.17
N GLU B 75 -9.87 4.28 -4.23
CA GLU B 75 -11.17 3.95 -3.67
C GLU B 75 -12.34 4.50 -4.46
N SER B 76 -12.12 5.55 -5.24
CA SER B 76 -13.21 6.19 -6.00
C SER B 76 -12.70 6.86 -7.26
N ALA B 77 -13.61 7.18 -8.18
CA ALA B 77 -13.26 7.83 -9.44
C ALA B 77 -12.60 9.20 -9.22
N GLU B 78 -13.09 9.92 -8.21
CA GLU B 78 -12.57 11.24 -7.85
C GLU B 78 -11.11 11.14 -7.40
N ASP B 79 -10.83 10.18 -6.52
CA ASP B 79 -9.47 10.00 -6.05
C ASP B 79 -8.56 9.61 -7.20
N PHE B 80 -9.06 8.76 -8.10
CA PHE B 80 -8.30 8.32 -9.26
C PHE B 80 -7.90 9.51 -10.11
N LYS B 81 -8.88 10.34 -10.43
CA LYS B 81 -8.70 11.48 -11.32
C LYS B 81 -7.60 12.40 -10.81
N ASP B 82 -7.67 12.73 -9.53
CA ASP B 82 -6.68 13.60 -8.93
C ASP B 82 -5.32 12.94 -8.81
N TYR B 83 -5.28 11.63 -8.62
CA TYR B 83 -4.04 10.90 -8.46
C TYR B 83 -3.30 10.71 -9.80
N TYR B 84 -4.02 10.31 -10.84
CA TYR B 84 -3.38 10.05 -12.14
C TYR B 84 -2.97 11.34 -12.86
N ALA B 85 -3.65 12.44 -12.53
CA ALA B 85 -3.37 13.72 -13.19
C ALA B 85 -1.93 14.16 -12.99
N LYS B 86 -1.27 13.65 -11.97
CA LYS B 86 0.09 14.03 -11.66
C LYS B 86 1.13 13.05 -12.25
N MET B 87 0.73 12.22 -13.23
CA MET B 87 1.60 11.21 -13.87
C MET B 87 1.74 11.36 -15.40
N PRO B 88 2.92 11.08 -15.96
CA PRO B 88 3.16 11.21 -17.41
C PRO B 88 2.93 9.98 -18.30
N TRP B 89 2.64 8.81 -17.72
CA TRP B 89 2.47 7.58 -18.49
C TRP B 89 1.01 7.20 -18.75
N LEU B 90 0.77 5.92 -19.06
CA LEU B 90 -0.57 5.44 -19.38
C LEU B 90 -1.30 4.92 -18.14
N ALA B 91 -2.60 4.74 -18.26
CA ALA B 91 -3.39 4.17 -17.16
C ALA B 91 -4.57 3.37 -17.65
N LEU B 92 -4.89 2.30 -16.94
CA LEU B 92 -6.08 1.54 -17.20
C LEU B 92 -7.23 2.38 -16.66
N PRO B 93 -8.27 2.61 -17.45
CA PRO B 93 -9.43 3.43 -17.02
C PRO B 93 -10.00 2.98 -15.65
N PHE B 94 -10.30 3.91 -14.75
CA PHE B 94 -10.83 3.54 -13.43
C PHE B 94 -12.10 2.69 -13.51
N GLU B 95 -12.97 3.04 -14.45
CA GLU B 95 -14.24 2.36 -14.63
C GLU B 95 -14.07 0.85 -14.87
N ASP B 96 -12.92 0.46 -15.38
CA ASP B 96 -12.65 -0.96 -15.64
C ASP B 96 -12.08 -1.59 -14.36
N ARG B 97 -12.96 -1.74 -13.38
CA ARG B 97 -12.57 -2.32 -12.11
C ARG B 97 -12.38 -3.81 -12.31
N LYS B 98 -13.14 -4.43 -13.21
CA LYS B 98 -12.87 -5.84 -13.46
C LYS B 98 -11.48 -6.04 -14.07
N GLY B 99 -11.09 -5.06 -14.91
CA GLY B 99 -9.76 -5.14 -15.52
C GLY B 99 -8.65 -4.99 -14.48
N MET B 100 -8.96 -4.20 -13.43
CA MET B 100 -7.98 -4.01 -12.37
C MET B 100 -7.77 -5.30 -11.55
N GLU B 101 -8.92 -5.94 -11.33
CA GLU B 101 -8.94 -7.19 -10.55
C GLU B 101 -8.24 -8.33 -11.31
N PHE B 102 -8.48 -8.38 -12.62
CA PHE B 102 -7.88 -9.37 -13.50
C PHE B 102 -6.33 -9.31 -13.45
N LEU B 103 -5.76 -8.11 -13.58
CA LEU B 103 -4.32 -7.92 -13.50
C LEU B 103 -3.79 -8.09 -12.08
N THR B 104 -4.56 -7.69 -11.06
CA THR B 104 -4.13 -7.91 -9.70
C THR B 104 -3.96 -9.41 -9.44
N THR B 105 -4.93 -10.19 -9.91
CA THR B 105 -4.83 -11.65 -9.79
C THR B 105 -3.69 -12.24 -10.67
N GLY B 106 -3.62 -11.79 -11.91
CA GLY B 106 -2.60 -12.30 -12.83
C GLY B 106 -1.18 -12.13 -12.36
N PHE B 107 -0.90 -10.97 -11.78
CA PHE B 107 0.42 -10.66 -11.23
C PHE B 107 0.53 -11.01 -9.74
N ASP B 108 -0.55 -11.50 -9.16
CA ASP B 108 -0.59 -11.88 -7.74
C ASP B 108 -0.10 -10.74 -6.85
N VAL B 109 -0.73 -9.57 -7.02
CA VAL B 109 -0.32 -8.36 -6.30
C VAL B 109 -0.98 -8.35 -4.92
N LYS B 110 -0.18 -8.45 -3.87
CA LYS B 110 -0.68 -8.58 -2.51
C LYS B 110 -0.57 -7.25 -1.74
N SER B 111 0.16 -6.29 -2.29
CA SER B 111 0.35 -5.02 -1.61
C SER B 111 0.95 -4.05 -2.61
N ILE B 112 0.99 -2.77 -2.25
CA ILE B 112 1.64 -1.74 -3.07
C ILE B 112 2.67 -0.94 -2.27
N PRO B 113 3.53 -0.22 -3.01
CA PRO B 113 3.47 -0.23 -4.46
C PRO B 113 4.04 -1.52 -5.04
N THR B 114 3.64 -1.81 -6.30
CA THR B 114 4.18 -2.99 -6.97
C THR B 114 4.46 -2.71 -8.44
N LEU B 115 5.67 -2.95 -8.93
CA LEU B 115 6.09 -2.59 -10.27
C LEU B 115 6.65 -3.86 -10.92
N VAL B 116 6.01 -4.29 -12.00
CA VAL B 116 6.42 -5.50 -12.72
C VAL B 116 6.57 -5.22 -14.23
N GLY B 117 7.70 -5.65 -14.80
CA GLY B 117 7.94 -5.44 -16.22
C GLY B 117 7.79 -6.69 -17.08
N VAL B 118 7.04 -6.54 -18.17
CA VAL B 118 6.81 -7.65 -19.09
C VAL B 118 7.25 -7.32 -20.52
N GLU B 119 7.58 -8.37 -21.27
CA GLU B 119 7.94 -8.21 -22.67
C GLU B 119 6.63 -8.21 -23.44
N ALA B 120 6.30 -7.08 -24.06
CA ALA B 120 5.03 -6.93 -24.74
C ALA B 120 4.78 -7.99 -25.82
N ASP B 121 5.83 -8.40 -26.51
CA ASP B 121 5.69 -9.34 -27.61
C ASP B 121 5.33 -10.75 -27.16
N SER B 122 5.97 -11.24 -26.09
CA SER B 122 5.72 -12.60 -25.64
C SER B 122 4.79 -12.70 -24.44
N GLY B 123 4.68 -11.62 -23.68
CA GLY B 123 3.84 -11.61 -22.49
C GLY B 123 4.56 -12.18 -21.28
N ASN B 124 5.87 -12.42 -21.41
CA ASN B 124 6.66 -12.98 -20.31
C ASN B 124 7.04 -11.88 -19.32
N ILE B 125 7.09 -12.20 -18.04
CA ILE B 125 7.63 -11.24 -17.06
C ILE B 125 9.14 -11.16 -17.23
N ILE B 126 9.66 -9.94 -17.44
CA ILE B 126 11.08 -9.66 -17.62
C ILE B 126 11.76 -9.51 -16.28
N THR B 127 11.18 -8.65 -15.45
CA THR B 127 11.75 -8.39 -14.14
C THR B 127 10.74 -8.11 -13.04
N THR B 128 11.07 -8.53 -11.82
CA THR B 128 10.24 -8.28 -10.65
C THR B 128 10.97 -7.41 -9.64
N GLN B 129 12.12 -6.88 -10.03
CA GLN B 129 12.93 -6.06 -9.11
C GLN B 129 13.12 -4.62 -9.57
N ALA B 130 12.30 -4.15 -10.51
CA ALA B 130 12.42 -2.78 -11.03
C ALA B 130 12.22 -1.70 -9.94
N ARG B 131 11.33 -1.99 -8.99
CA ARG B 131 11.02 -1.09 -7.87
C ARG B 131 12.25 -0.79 -7.03
N THR B 132 13.09 -1.79 -6.85
CA THR B 132 14.32 -1.67 -6.07
C THR B 132 15.50 -1.25 -6.94
N MET B 133 15.41 -1.46 -8.25
CA MET B 133 16.54 -1.10 -9.11
C MET B 133 16.36 0.28 -9.74
N VAL B 134 15.15 0.79 -9.78
CA VAL B 134 14.91 2.13 -10.29
C VAL B 134 15.64 3.13 -9.38
N VAL B 135 15.79 2.77 -8.11
CA VAL B 135 16.45 3.63 -7.15
C VAL B 135 17.94 3.32 -7.03
N LYS B 136 18.31 2.08 -7.29
CA LYS B 136 19.71 1.64 -7.20
C LYS B 136 20.46 1.89 -8.48
N ASP B 137 19.73 1.92 -9.59
CA ASP B 137 20.33 2.11 -10.90
C ASP B 137 19.62 3.25 -11.62
N PRO B 138 19.69 4.46 -11.07
CA PRO B 138 19.04 5.62 -11.69
C PRO B 138 19.40 5.87 -13.15
N GLU B 139 20.65 5.59 -13.53
CA GLU B 139 21.09 5.80 -14.91
C GLU B 139 20.71 4.65 -15.82
N ALA B 140 20.10 3.62 -15.25
CA ALA B 140 19.65 2.44 -16.00
C ALA B 140 20.79 1.76 -16.72
N LYS B 141 21.84 1.43 -15.97
CA LYS B 141 22.98 0.72 -16.57
C LYS B 141 22.83 -0.72 -16.84
N ASP B 142 22.01 -1.32 -15.98
CA ASP B 142 21.78 -2.77 -16.03
C ASP B 142 20.32 -3.09 -16.31
N PHE B 143 19.56 -2.08 -16.72
CA PHE B 143 18.17 -2.23 -17.10
C PHE B 143 18.11 -3.21 -18.28
N PRO B 144 17.03 -3.98 -18.43
CA PRO B 144 15.88 -4.03 -17.52
C PRO B 144 16.00 -4.96 -16.33
N TRP B 145 17.22 -5.20 -15.83
CA TRP B 145 17.42 -6.02 -14.64
C TRP B 145 16.64 -7.33 -14.66
N PRO B 146 16.84 -8.11 -15.72
CA PRO B 146 16.12 -9.38 -15.88
C PRO B 146 16.40 -10.34 -14.73
N ASN B 147 15.36 -10.88 -14.13
CA ASN B 147 15.52 -11.82 -13.04
C ASN B 147 14.37 -12.80 -12.95
N VAL B 148 14.14 -13.39 -11.90
S SO4 C . -13.31 1.18 7.22
O1 SO4 C . -13.00 -0.22 7.02
O2 SO4 C . -14.58 1.43 7.93
O3 SO4 C . -12.38 1.95 8.03
O4 SO4 C . -13.40 1.83 5.91
#